data_2ZA1
#
_entry.id   2ZA1
#
_cell.length_a   201.800
_cell.length_b   201.800
_cell.length_c   44.200
_cell.angle_alpha   90.00
_cell.angle_beta   90.00
_cell.angle_gamma   120.00
#
_symmetry.space_group_name_H-M   'H 3'
#
loop_
_entity.id
_entity.type
_entity.pdbx_description
1 polymer "Orotidine 5'-phosphate decarboxylase"
2 non-polymer "OROTIDINE-5'-MONOPHOSPHATE"
3 water water
#
_entity_poly.entity_id   1
_entity_poly.type   'polypeptide(L)'
_entity_poly.pdbx_seq_one_letter_code
;MGFKVKLEKRRNAINTCLCIGLDPDEKDIENFMKNEKENNYNNIKKNLKEKYINNVSIKKDILLKAPDNIIREEKSEEFF
YFFNHFCFYIINETNKYALTFKMNFAFYIPYGSVGIDVLKNVFDYLYELNIPTILDMKINDIGNTVKNYRKFIFEYLKSD
SCTVNIYMGTNMLKDICYDEEKNKYYSAFVLVKTTNPDSAIFQKNLSLDNKQAYVIMAQEALNMSSYLNLEQNNEFIGFV
VGANSYDEMNYIRTYFPNCYILSPGIGAQNGDLHKTLTNGYHKSYEKILINIGRAITKNPYPQKAAQMYYDQINAILKQN
MES
;
_entity_poly.pdbx_strand_id   A,B
#
# COMPACT_ATOMS: atom_id res chain seq x y z
N MET A 1 26.18 -7.78 6.80
CA MET A 1 24.93 -6.97 6.78
C MET A 1 24.17 -7.06 8.11
N GLY A 2 22.89 -6.69 8.09
CA GLY A 2 22.09 -6.73 9.30
C GLY A 2 21.65 -5.34 9.66
N PHE A 3 20.36 -5.12 9.75
CA PHE A 3 19.88 -3.79 10.07
C PHE A 3 20.43 -3.28 11.39
N LYS A 4 20.24 -4.04 12.47
CA LYS A 4 20.72 -3.63 13.79
C LYS A 4 22.17 -3.18 13.74
N VAL A 5 23.00 -3.98 13.09
CA VAL A 5 24.41 -3.63 12.97
C VAL A 5 24.63 -2.39 12.11
N LYS A 6 23.96 -2.33 10.97
CA LYS A 6 24.09 -1.18 10.08
C LYS A 6 23.64 0.08 10.82
N LEU A 7 22.60 -0.08 11.63
CA LEU A 7 22.07 1.02 12.45
C LEU A 7 23.08 1.35 13.55
N GLU A 8 23.66 0.31 14.12
CA GLU A 8 24.63 0.47 15.19
C GLU A 8 25.84 1.32 14.75
N LYS A 9 26.50 0.95 13.65
CA LYS A 9 27.65 1.69 13.16
C LYS A 9 27.35 3.17 12.95
N ARG A 10 26.52 3.50 11.95
CA ARG A 10 26.19 4.89 11.66
C ARG A 10 25.91 5.72 12.92
N ARG A 11 25.23 5.13 13.89
CA ARG A 11 24.93 5.85 15.11
C ARG A 11 26.21 6.45 15.67
N ASN A 12 27.15 5.59 16.10
CA ASN A 12 28.43 6.07 16.65
C ASN A 12 29.14 7.04 15.70
N ALA A 13 28.79 6.99 14.41
CA ALA A 13 29.41 7.82 13.39
C ALA A 13 28.87 9.27 13.30
N ILE A 14 27.65 9.48 13.76
CA ILE A 14 27.09 10.82 13.72
C ILE A 14 26.42 11.25 15.03
N ASN A 15 26.34 10.32 16.00
CA ASN A 15 25.74 10.60 17.30
C ASN A 15 24.39 11.31 17.15
N THR A 16 23.35 10.53 16.90
CA THR A 16 21.99 11.07 16.72
C THR A 16 21.03 10.01 16.22
N CYS A 17 19.78 10.11 16.67
CA CYS A 17 18.75 9.18 16.28
C CYS A 17 17.70 9.88 15.40
N LEU A 18 18.12 10.92 14.68
CA LEU A 18 17.22 11.67 13.82
C LEU A 18 16.92 10.97 12.49
N CYS A 19 15.64 10.65 12.29
CA CYS A 19 15.18 10.00 11.08
C CYS A 19 14.52 11.06 10.19
N ILE A 20 15.13 11.39 9.06
CA ILE A 20 14.54 12.40 8.21
C ILE A 20 13.51 11.82 7.26
N GLY A 21 12.40 12.53 7.12
CA GLY A 21 11.35 12.07 6.23
C GLY A 21 11.30 12.80 4.91
N LEU A 22 11.21 12.03 3.84
CA LEU A 22 11.15 12.61 2.51
C LEU A 22 9.85 12.19 1.85
N ASP A 23 8.80 12.95 2.10
CA ASP A 23 7.48 12.70 1.54
C ASP A 23 7.17 13.89 0.66
N PRO A 24 7.68 13.86 -0.57
CA PRO A 24 7.46 14.94 -1.53
C PRO A 24 6.08 14.92 -2.14
N ASP A 25 5.41 16.07 -2.13
CA ASP A 25 4.08 16.19 -2.75
C ASP A 25 4.19 17.14 -3.93
N GLU A 26 3.06 17.40 -4.58
CA GLU A 26 3.03 18.28 -5.74
C GLU A 26 3.64 19.67 -5.57
N LYS A 27 3.23 20.39 -4.54
CA LYS A 27 3.75 21.74 -4.31
C LYS A 27 5.25 21.77 -4.04
N ASP A 28 5.78 20.73 -3.41
CA ASP A 28 7.21 20.70 -3.16
C ASP A 28 7.89 20.59 -4.51
N ILE A 29 7.23 19.89 -5.43
CA ILE A 29 7.78 19.72 -6.76
C ILE A 29 7.74 20.96 -7.60
N GLU A 30 6.54 21.46 -7.86
CA GLU A 30 6.45 22.66 -8.70
C GLU A 30 7.17 23.88 -8.10
N ASN A 31 7.12 24.05 -6.79
CA ASN A 31 7.82 25.18 -6.18
C ASN A 31 9.32 25.02 -6.40
N PHE A 32 9.80 23.79 -6.24
CA PHE A 32 11.20 23.46 -6.44
C PHE A 32 11.56 23.83 -7.86
N MET A 33 10.71 23.35 -8.77
CA MET A 33 10.87 23.56 -10.19
C MET A 33 10.89 25.03 -10.59
N LYS A 34 10.07 25.83 -9.91
CA LYS A 34 10.02 27.25 -10.22
C LYS A 34 11.16 28.02 -9.56
N ASN A 35 11.45 27.72 -8.30
CA ASN A 35 12.56 28.39 -7.65
C ASN A 35 13.77 28.16 -8.54
N GLU A 36 14.25 26.92 -8.52
CA GLU A 36 15.39 26.48 -9.29
C GLU A 36 15.45 27.23 -10.63
N LYS A 37 14.36 27.11 -11.39
CA LYS A 37 14.25 27.72 -12.70
C LYS A 37 14.18 29.25 -12.70
N GLU A 38 13.84 29.81 -11.56
CA GLU A 38 13.77 31.26 -11.46
C GLU A 38 15.22 31.67 -11.32
N ASN A 39 15.86 31.17 -10.28
CA ASN A 39 17.25 31.47 -10.00
C ASN A 39 18.25 30.50 -10.69
N ASN A 40 17.96 30.21 -11.95
CA ASN A 40 18.73 29.28 -12.80
C ASN A 40 19.52 28.10 -12.22
N TYR A 41 18.77 27.03 -11.96
CA TYR A 41 19.27 25.75 -11.50
C TYR A 41 20.49 25.74 -10.59
N ASN A 42 20.33 26.25 -9.37
CA ASN A 42 21.46 26.26 -8.45
C ASN A 42 21.71 24.87 -7.84
N ASN A 43 20.65 24.27 -7.29
CA ASN A 43 20.72 22.95 -6.66
C ASN A 43 20.86 21.74 -7.61
N ILE A 44 20.25 21.82 -8.79
CA ILE A 44 20.34 20.74 -9.76
C ILE A 44 21.79 20.58 -10.24
N LYS A 45 22.42 21.69 -10.62
CA LYS A 45 23.82 21.65 -11.04
C LYS A 45 24.63 21.07 -9.87
N LYS A 46 24.16 21.33 -8.65
CA LYS A 46 24.82 20.82 -7.47
C LYS A 46 24.66 19.32 -7.43
N ASN A 47 23.43 18.85 -7.67
CA ASN A 47 23.14 17.43 -7.66
C ASN A 47 24.01 16.78 -8.71
N LEU A 48 23.96 17.35 -9.91
CA LEU A 48 24.73 16.84 -11.03
C LEU A 48 26.22 16.68 -10.74
N LYS A 49 26.67 17.16 -9.59
CA LYS A 49 28.07 17.02 -9.22
C LYS A 49 28.28 15.99 -8.13
N GLU A 50 27.21 15.62 -7.45
CA GLU A 50 27.29 14.62 -6.39
C GLU A 50 27.74 13.28 -6.97
N LYS A 51 28.65 12.62 -6.27
CA LYS A 51 29.22 11.35 -6.69
C LYS A 51 28.29 10.21 -7.16
N TYR A 52 27.33 9.83 -6.31
CA TYR A 52 26.41 8.73 -6.60
C TYR A 52 25.27 8.97 -7.57
N ILE A 53 25.18 10.14 -8.16
CA ILE A 53 24.11 10.37 -9.08
C ILE A 53 24.42 9.63 -10.39
N ASN A 54 25.67 9.20 -10.53
CA ASN A 54 26.09 8.51 -11.74
C ASN A 54 25.78 7.03 -11.65
N ASN A 55 25.33 6.59 -10.49
CA ASN A 55 25.02 5.17 -10.32
C ASN A 55 23.54 4.85 -10.36
N VAL A 56 22.70 5.81 -10.76
CA VAL A 56 21.27 5.55 -10.83
C VAL A 56 20.94 4.66 -12.02
N SER A 57 20.04 3.71 -11.77
CA SER A 57 19.66 2.75 -12.79
C SER A 57 18.46 3.09 -13.62
N ILE A 58 17.73 4.15 -13.30
CA ILE A 58 16.55 4.48 -14.10
C ILE A 58 16.61 5.84 -14.76
N LYS A 59 16.61 5.83 -16.08
CA LYS A 59 16.68 7.04 -16.88
C LYS A 59 17.83 7.90 -16.46
N LYS A 60 18.97 7.26 -16.21
CA LYS A 60 20.19 7.95 -15.81
C LYS A 60 20.52 9.01 -16.86
N ASP A 61 20.27 8.68 -18.12
CA ASP A 61 20.52 9.58 -19.24
C ASP A 61 19.72 10.87 -19.18
N ILE A 62 18.58 10.83 -18.50
CA ILE A 62 17.73 12.01 -18.37
C ILE A 62 18.06 12.89 -17.15
N LEU A 63 18.26 12.28 -15.97
CA LEU A 63 18.59 13.06 -14.77
C LEU A 63 19.88 13.84 -14.97
N LEU A 64 20.80 13.26 -15.74
CA LEU A 64 22.07 13.92 -16.06
C LEU A 64 21.79 14.55 -17.41
N LYS A 65 21.71 15.88 -17.45
CA LYS A 65 21.41 16.61 -18.69
C LYS A 65 21.17 18.08 -18.42
N ALA A 66 22.17 18.91 -18.68
CA ALA A 66 22.07 20.36 -18.49
C ALA A 66 20.64 20.87 -18.23
N PRO A 67 20.41 21.37 -17.01
CA PRO A 67 19.14 21.90 -16.53
C PRO A 67 17.86 21.66 -17.32
N ASP A 68 17.12 20.68 -16.82
CA ASP A 68 15.79 20.27 -17.27
C ASP A 68 15.45 19.78 -18.66
N ASN A 69 14.30 19.08 -18.71
CA ASN A 69 13.70 18.61 -19.94
C ASN A 69 12.99 19.93 -20.24
N ILE A 70 13.54 20.97 -19.61
CA ILE A 70 13.19 22.38 -19.63
C ILE A 70 11.83 22.80 -20.19
N ILE A 71 11.33 21.99 -21.12
CA ILE A 71 10.10 22.22 -21.88
C ILE A 71 10.76 22.89 -23.09
N ARG A 72 11.06 22.03 -24.06
CA ARG A 72 11.73 22.32 -25.32
C ARG A 72 12.77 21.24 -25.21
N GLU A 73 12.42 20.06 -25.73
CA GLU A 73 13.26 18.88 -25.70
C GLU A 73 12.75 17.96 -24.60
N GLU A 74 11.60 17.32 -24.86
CA GLU A 74 10.96 16.35 -23.96
C GLU A 74 9.67 16.69 -23.18
N LYS A 75 9.64 17.76 -22.39
CA LYS A 75 8.45 18.13 -21.59
C LYS A 75 7.96 16.94 -20.77
N SER A 76 7.55 15.86 -21.44
CA SER A 76 7.07 14.64 -20.80
C SER A 76 8.04 14.07 -19.79
N GLU A 77 9.29 14.52 -19.82
CA GLU A 77 10.26 14.00 -18.89
C GLU A 77 10.49 15.00 -17.78
N GLU A 78 9.89 16.17 -17.94
CA GLU A 78 10.03 17.26 -17.00
C GLU A 78 9.74 16.89 -15.56
N PHE A 79 8.48 16.52 -15.32
CA PHE A 79 8.03 16.15 -13.99
C PHE A 79 8.97 15.10 -13.40
N PHE A 80 9.20 14.02 -14.13
CA PHE A 80 10.09 12.98 -13.63
C PHE A 80 11.39 13.64 -13.17
N TYR A 81 11.95 14.46 -14.06
CA TYR A 81 13.19 15.18 -13.84
C TYR A 81 13.28 15.98 -12.55
N PHE A 82 12.37 16.92 -12.38
CA PHE A 82 12.39 17.78 -11.21
C PHE A 82 12.03 17.08 -9.90
N PHE A 83 11.12 16.12 -10.00
CA PHE A 83 10.69 15.34 -8.85
C PHE A 83 11.93 14.64 -8.27
N ASN A 84 12.60 13.84 -9.09
CA ASN A 84 13.78 13.11 -8.69
C ASN A 84 14.87 14.04 -8.15
N HIS A 85 15.06 15.17 -8.81
CA HIS A 85 16.09 16.10 -8.37
C HIS A 85 15.77 16.73 -7.04
N PHE A 86 14.50 17.03 -6.80
CA PHE A 86 14.13 17.61 -5.52
C PHE A 86 14.57 16.66 -4.41
N CYS A 87 14.47 15.36 -4.66
CA CYS A 87 14.85 14.36 -3.67
C CYS A 87 16.35 14.33 -3.51
N PHE A 88 17.07 14.22 -4.62
CA PHE A 88 18.51 14.23 -4.54
C PHE A 88 18.86 15.48 -3.75
N TYR A 89 18.19 16.57 -4.10
CA TYR A 89 18.39 17.85 -3.43
C TYR A 89 18.30 17.73 -1.91
N ILE A 90 17.20 17.16 -1.41
CA ILE A 90 17.01 17.02 0.02
C ILE A 90 18.03 16.10 0.70
N ILE A 91 18.41 15.02 0.01
CA ILE A 91 19.36 14.08 0.57
C ILE A 91 20.75 14.70 0.60
N ASN A 92 21.11 15.42 -0.46
CA ASN A 92 22.42 16.07 -0.54
C ASN A 92 22.50 17.17 0.53
N GLU A 93 21.43 17.92 0.67
CA GLU A 93 21.38 19.00 1.62
C GLU A 93 21.29 18.59 3.08
N THR A 94 20.56 17.52 3.37
CA THR A 94 20.37 17.12 4.77
C THR A 94 20.86 15.75 5.24
N ASN A 95 21.42 14.96 4.35
CA ASN A 95 21.86 13.63 4.76
C ASN A 95 22.88 13.55 5.91
N LYS A 96 23.80 14.51 6.00
CA LYS A 96 24.79 14.43 7.07
C LYS A 96 24.20 14.38 8.47
N TYR A 97 22.97 14.85 8.63
CA TYR A 97 22.35 14.84 9.95
C TYR A 97 21.40 13.66 10.14
N ALA A 98 21.34 12.78 9.16
CA ALA A 98 20.42 11.63 9.23
C ALA A 98 21.01 10.29 9.63
N LEU A 99 20.38 9.65 10.61
CA LEU A 99 20.81 8.33 11.04
C LEU A 99 20.06 7.37 10.10
N THR A 100 18.88 7.78 9.68
CA THR A 100 18.05 7.01 8.77
C THR A 100 17.12 7.92 7.97
N PHE A 101 16.77 7.47 6.77
CA PHE A 101 15.85 8.20 5.91
C PHE A 101 14.64 7.28 5.74
N LYS A 102 13.45 7.86 5.73
CA LYS A 102 12.23 7.08 5.60
C LYS A 102 11.29 7.67 4.55
N MET A 103 11.05 6.94 3.47
CA MET A 103 10.17 7.41 2.39
C MET A 103 8.76 6.82 2.47
N ASN A 104 7.75 7.66 2.49
CA ASN A 104 6.41 7.11 2.53
C ASN A 104 5.89 6.85 1.13
N PHE A 105 5.66 5.58 0.83
CA PHE A 105 5.18 5.10 -0.47
C PHE A 105 4.01 5.90 -1.03
N ALA A 106 3.10 6.32 -0.17
CA ALA A 106 1.93 7.06 -0.61
C ALA A 106 2.21 8.25 -1.51
N PHE A 107 3.34 8.91 -1.29
CA PHE A 107 3.70 10.08 -2.09
C PHE A 107 4.33 9.75 -3.45
N TYR A 108 4.68 8.50 -3.66
CA TYR A 108 5.32 8.09 -4.90
C TYR A 108 4.43 7.38 -5.92
N ILE A 109 3.19 7.11 -5.56
CA ILE A 109 2.25 6.42 -6.46
C ILE A 109 1.11 7.26 -7.07
N PRO A 110 0.78 8.41 -6.47
CA PRO A 110 -0.33 9.18 -7.05
C PRO A 110 -0.25 9.52 -8.53
N TYR A 111 0.95 9.61 -9.08
CA TYR A 111 1.13 9.96 -10.51
C TYR A 111 1.42 8.77 -11.43
N GLY A 112 1.14 7.56 -10.96
CA GLY A 112 1.40 6.39 -11.78
C GLY A 112 2.76 5.75 -11.55
N SER A 113 3.35 5.25 -12.62
CA SER A 113 4.64 4.58 -12.55
C SER A 113 5.83 5.53 -12.47
N VAL A 114 5.64 6.79 -12.84
CA VAL A 114 6.75 7.73 -12.84
C VAL A 114 7.32 7.95 -11.44
N GLY A 115 6.43 7.94 -10.43
CA GLY A 115 6.86 8.14 -9.06
C GLY A 115 7.58 6.93 -8.48
N ILE A 116 7.24 5.77 -9.01
CA ILE A 116 7.90 4.57 -8.54
C ILE A 116 9.33 4.62 -9.08
N ASP A 117 9.52 5.09 -10.31
CA ASP A 117 10.87 5.20 -10.89
C ASP A 117 11.71 6.15 -10.04
N VAL A 118 11.07 7.20 -9.53
CA VAL A 118 11.74 8.18 -8.68
C VAL A 118 12.07 7.55 -7.33
N LEU A 119 11.14 6.77 -6.80
CA LEU A 119 11.31 6.09 -5.52
C LEU A 119 12.51 5.16 -5.60
N LYS A 120 12.53 4.35 -6.66
CA LYS A 120 13.60 3.40 -6.89
C LYS A 120 14.91 4.15 -6.95
N ASN A 121 14.96 5.27 -7.66
CA ASN A 121 16.19 6.04 -7.73
C ASN A 121 16.57 6.54 -6.35
N VAL A 122 15.61 7.09 -5.61
CA VAL A 122 15.90 7.59 -4.29
C VAL A 122 16.48 6.50 -3.39
N PHE A 123 15.94 5.30 -3.49
CA PHE A 123 16.43 4.20 -2.69
C PHE A 123 17.79 3.71 -3.17
N ASP A 124 18.05 3.76 -4.47
CA ASP A 124 19.37 3.37 -4.97
C ASP A 124 20.42 4.38 -4.49
N TYR A 125 20.01 5.64 -4.46
CA TYR A 125 20.88 6.72 -4.03
C TYR A 125 21.29 6.59 -2.57
N LEU A 126 20.32 6.36 -1.68
CA LEU A 126 20.64 6.21 -0.26
C LEU A 126 21.49 4.95 -0.04
N TYR A 127 21.18 3.90 -0.80
CA TYR A 127 21.90 2.65 -0.67
C TYR A 127 23.38 2.77 -1.01
N GLU A 128 23.67 3.59 -2.01
CA GLU A 128 25.06 3.80 -2.39
C GLU A 128 25.64 4.66 -1.29
N LEU A 129 24.86 5.62 -0.79
CA LEU A 129 25.32 6.46 0.29
C LEU A 129 25.42 5.62 1.56
N ASN A 130 24.82 4.44 1.53
CA ASN A 130 24.80 3.48 2.63
C ASN A 130 24.20 4.03 3.92
N ILE A 131 23.06 4.70 3.78
CA ILE A 131 22.32 5.27 4.89
C ILE A 131 21.11 4.39 5.21
N PRO A 132 20.90 4.08 6.49
CA PRO A 132 19.76 3.23 6.84
C PRO A 132 18.50 3.76 6.20
N THR A 133 17.60 2.87 5.82
CA THR A 133 16.37 3.29 5.16
C THR A 133 15.11 2.60 5.66
N ILE A 134 14.01 3.31 5.52
CA ILE A 134 12.72 2.80 5.92
C ILE A 134 11.69 3.18 4.85
N LEU A 135 10.92 2.20 4.39
CA LEU A 135 9.88 2.49 3.45
C LEU A 135 8.63 2.44 4.30
N ASP A 136 7.95 3.56 4.44
CA ASP A 136 6.73 3.56 5.21
C ASP A 136 5.57 3.37 4.27
N MET A 137 5.20 2.11 4.13
CA MET A 137 4.12 1.66 3.28
C MET A 137 3.09 0.91 4.11
N LYS A 138 3.36 0.79 5.41
CA LYS A 138 2.47 0.10 6.32
C LYS A 138 1.63 -0.97 5.66
N ILE A 139 2.31 -2.00 5.17
CA ILE A 139 1.67 -3.09 4.48
C ILE A 139 0.82 -4.05 5.30
N ASN A 140 0.04 -4.85 4.60
CA ASN A 140 -0.83 -5.83 5.23
C ASN A 140 -1.69 -6.60 4.19
N ASP A 141 -1.69 -7.92 4.31
CA ASP A 141 -2.47 -8.78 3.42
C ASP A 141 -2.29 -10.24 3.86
N ILE A 142 -3.07 -11.15 3.27
CA ILE A 142 -2.91 -12.58 3.59
C ILE A 142 -1.49 -12.91 3.14
N GLY A 143 -0.85 -13.86 3.81
CA GLY A 143 0.49 -14.21 3.41
C GLY A 143 0.41 -14.64 1.96
N ASN A 144 1.54 -14.90 1.31
CA ASN A 144 1.48 -15.33 -0.08
C ASN A 144 0.54 -14.36 -0.80
N THR A 145 1.05 -13.15 -0.94
CA THR A 145 0.44 -11.98 -1.55
C THR A 145 1.26 -10.90 -0.87
N VAL A 146 1.58 -11.18 0.40
CA VAL A 146 2.39 -10.28 1.18
C VAL A 146 3.82 -10.48 0.69
N LYS A 147 4.10 -11.67 0.16
CA LYS A 147 5.43 -11.97 -0.37
C LYS A 147 5.81 -10.97 -1.46
N ASN A 148 4.81 -10.52 -2.21
CA ASN A 148 5.02 -9.55 -3.28
C ASN A 148 5.52 -8.23 -2.72
N TYR A 149 4.96 -7.82 -1.59
CA TYR A 149 5.41 -6.60 -0.96
C TYR A 149 6.82 -6.86 -0.49
N ARG A 150 7.06 -8.06 0.01
CA ARG A 150 8.40 -8.37 0.50
C ARG A 150 9.42 -8.24 -0.61
N LYS A 151 9.06 -8.68 -1.81
CA LYS A 151 9.98 -8.61 -2.93
C LYS A 151 10.20 -7.16 -3.34
N PHE A 152 9.12 -6.45 -3.58
CA PHE A 152 9.23 -5.07 -3.96
C PHE A 152 10.12 -4.29 -2.98
N ILE A 153 9.79 -4.35 -1.70
CA ILE A 153 10.53 -3.64 -0.66
C ILE A 153 11.99 -4.03 -0.48
N PHE A 154 12.26 -5.29 -0.15
CA PHE A 154 13.62 -5.75 0.11
C PHE A 154 14.45 -6.31 -1.05
N GLU A 155 13.82 -6.61 -2.19
CA GLU A 155 14.57 -7.12 -3.31
C GLU A 155 14.82 -5.97 -4.28
N TYR A 156 13.75 -5.44 -4.84
CA TYR A 156 13.85 -4.35 -5.79
C TYR A 156 14.49 -3.10 -5.20
N LEU A 157 13.87 -2.53 -4.18
CA LEU A 157 14.39 -1.32 -3.54
C LEU A 157 15.62 -1.54 -2.64
N LYS A 158 15.80 -2.76 -2.16
CA LYS A 158 16.91 -3.08 -1.29
C LYS A 158 16.87 -2.22 -0.02
N SER A 159 15.67 -1.96 0.46
CA SER A 159 15.46 -1.16 1.67
C SER A 159 15.84 -1.99 2.89
N ASP A 160 16.26 -1.34 3.95
CA ASP A 160 16.63 -2.07 5.17
C ASP A 160 15.40 -2.44 6.00
N SER A 161 14.32 -1.71 5.80
CA SER A 161 13.14 -1.99 6.56
C SER A 161 11.91 -1.29 6.00
N CYS A 162 10.77 -1.72 6.51
CA CYS A 162 9.50 -1.17 6.11
C CYS A 162 8.63 -1.13 7.36
N THR A 163 7.45 -0.53 7.25
CA THR A 163 6.53 -0.45 8.38
C THR A 163 5.37 -1.40 8.10
N VAL A 164 4.79 -1.98 9.15
CA VAL A 164 3.72 -2.93 8.94
C VAL A 164 2.52 -2.80 9.86
N ASN A 165 1.33 -3.00 9.28
CA ASN A 165 0.06 -2.95 9.98
C ASN A 165 -0.38 -4.42 10.16
N ILE A 166 -0.09 -4.96 11.33
CA ILE A 166 -0.38 -6.34 11.69
C ILE A 166 -1.83 -6.71 12.03
N TYR A 167 -2.71 -5.72 12.07
CA TYR A 167 -4.09 -5.96 12.43
C TYR A 167 -4.78 -7.23 11.91
N MET A 168 -4.63 -7.52 10.62
CA MET A 168 -5.27 -8.72 10.05
C MET A 168 -4.65 -9.98 10.62
N GLY A 169 -3.55 -9.83 11.34
CA GLY A 169 -2.91 -11.00 11.90
C GLY A 169 -1.40 -10.89 11.98
N THR A 170 -0.82 -11.57 12.95
CA THR A 170 0.61 -11.53 13.14
C THR A 170 1.43 -12.44 12.21
N ASN A 171 0.85 -13.56 11.77
CA ASN A 171 1.59 -14.48 10.89
C ASN A 171 2.05 -13.83 9.61
N MET A 172 1.41 -12.73 9.28
CA MET A 172 1.73 -11.96 8.10
C MET A 172 3.22 -11.57 8.16
N LEU A 173 3.75 -11.45 9.37
CA LEU A 173 5.17 -11.11 9.58
C LEU A 173 6.11 -12.22 9.11
N LYS A 174 5.65 -13.46 9.16
CA LYS A 174 6.47 -14.57 8.72
C LYS A 174 6.90 -14.43 7.27
N ASP A 175 6.06 -13.80 6.47
CA ASP A 175 6.33 -13.63 5.05
C ASP A 175 6.88 -12.26 4.65
N ILE A 176 6.93 -11.33 5.60
CA ILE A 176 7.46 -10.00 5.31
C ILE A 176 8.90 -9.89 5.78
N CYS A 177 9.18 -10.43 6.97
CA CYS A 177 10.51 -10.40 7.56
C CYS A 177 11.40 -11.61 7.27
N TYR A 178 10.89 -12.61 6.57
CA TYR A 178 11.68 -13.80 6.28
C TYR A 178 11.39 -14.35 4.89
N ASP A 179 12.43 -14.51 4.09
CA ASP A 179 12.28 -15.00 2.73
C ASP A 179 12.07 -16.50 2.66
N GLU A 180 12.86 -17.25 3.41
CA GLU A 180 12.70 -18.70 3.44
C GLU A 180 12.80 -19.44 2.11
N GLU A 181 13.77 -19.07 1.29
CA GLU A 181 14.01 -19.77 0.03
C GLU A 181 15.25 -19.12 -0.54
N LYS A 182 15.80 -18.22 0.27
CA LYS A 182 17.03 -17.50 -0.01
C LYS A 182 17.59 -17.32 1.42
N ASN A 183 16.90 -17.97 2.36
CA ASN A 183 17.24 -17.95 3.77
C ASN A 183 17.62 -16.55 4.23
N LYS A 184 16.75 -15.58 3.99
CA LYS A 184 17.06 -14.21 4.41
C LYS A 184 16.14 -13.62 5.46
N TYR A 185 16.67 -12.65 6.19
CA TYR A 185 15.95 -11.99 7.29
C TYR A 185 15.81 -10.46 7.06
N TYR A 186 14.68 -9.91 7.49
CA TYR A 186 14.42 -8.48 7.30
C TYR A 186 13.78 -7.79 8.51
N SER A 187 14.05 -6.49 8.66
CA SER A 187 13.51 -5.71 9.75
C SER A 187 12.18 -5.07 9.41
N ALA A 188 11.42 -4.73 10.46
CA ALA A 188 10.12 -4.10 10.29
C ALA A 188 9.64 -3.41 11.58
N PHE A 189 8.76 -2.43 11.40
CA PHE A 189 8.15 -1.67 12.49
C PHE A 189 6.65 -1.89 12.32
N VAL A 190 5.96 -2.39 13.34
CA VAL A 190 4.52 -2.58 13.19
C VAL A 190 3.80 -1.41 13.86
N LEU A 191 2.67 -1.00 13.31
CA LEU A 191 1.93 0.10 13.89
C LEU A 191 1.36 -0.32 15.24
N VAL A 192 1.77 0.39 16.27
CA VAL A 192 1.33 0.13 17.64
C VAL A 192 0.44 1.28 18.08
N LYS A 193 0.99 2.48 18.12
CA LYS A 193 0.23 3.66 18.47
C LYS A 193 0.57 4.72 17.45
N THR A 194 -0.47 5.23 16.76
CA THR A 194 -0.26 6.22 15.72
C THR A 194 -0.68 7.64 16.04
N THR A 195 -0.12 8.56 15.26
CA THR A 195 -0.36 9.99 15.44
C THR A 195 -1.75 10.52 15.01
N ASN A 196 -2.70 9.61 14.76
CA ASN A 196 -4.03 10.06 14.39
C ASN A 196 -4.65 10.61 15.68
N PRO A 197 -5.75 11.37 15.58
CA PRO A 197 -6.38 11.92 16.79
C PRO A 197 -7.31 10.86 17.35
N ASP A 198 -8.29 10.48 16.52
CA ASP A 198 -9.26 9.46 16.85
C ASP A 198 -8.50 8.15 16.73
N SER A 199 -7.19 8.26 16.83
CA SER A 199 -6.27 7.13 16.73
C SER A 199 -6.43 6.13 17.87
N ALA A 200 -7.51 6.23 18.65
CA ALA A 200 -7.64 5.33 19.79
C ALA A 200 -8.90 4.50 19.91
N ILE A 201 -9.90 4.79 19.10
CA ILE A 201 -11.16 4.06 19.13
C ILE A 201 -10.87 2.56 19.13
N PHE A 202 -9.84 2.18 18.36
CA PHE A 202 -9.42 0.80 18.23
C PHE A 202 -8.16 0.43 18.98
N GLN A 203 -7.19 1.34 18.98
CA GLN A 203 -5.91 1.08 19.63
C GLN A 203 -5.97 1.13 21.15
N LYS A 204 -6.96 1.85 21.68
CA LYS A 204 -7.12 1.97 23.13
C LYS A 204 -8.41 1.31 23.64
N ASN A 205 -9.55 1.92 23.29
CA ASN A 205 -10.86 1.45 23.69
C ASN A 205 -11.08 -0.02 23.49
N LEU A 206 -10.08 -0.72 22.96
CA LEU A 206 -10.14 -2.15 22.73
C LEU A 206 -9.22 -2.86 23.72
N SER A 207 -9.66 -4.00 24.24
CA SER A 207 -8.85 -4.74 25.20
C SER A 207 -9.04 -6.26 25.13
N LEU A 208 -8.19 -6.97 25.88
CA LEU A 208 -8.26 -8.42 25.92
C LEU A 208 -8.19 -9.00 27.35
N ASP A 209 -7.10 -8.69 28.05
CA ASP A 209 -6.90 -9.17 29.42
C ASP A 209 -6.45 -7.97 30.24
N ASN A 210 -7.33 -6.96 30.29
CA ASN A 210 -7.06 -5.71 31.02
C ASN A 210 -6.17 -4.82 30.17
N LYS A 211 -5.52 -5.41 29.17
CA LYS A 211 -4.61 -4.69 28.30
C LYS A 211 -5.32 -4.05 27.10
N GLN A 212 -4.84 -2.86 26.74
CA GLN A 212 -5.34 -2.12 25.60
C GLN A 212 -4.69 -2.79 24.38
N ALA A 213 -5.41 -2.85 23.27
CA ALA A 213 -4.91 -3.47 22.04
C ALA A 213 -3.44 -3.19 21.72
N TYR A 214 -3.07 -1.92 21.66
CA TYR A 214 -1.70 -1.55 21.33
C TYR A 214 -0.64 -2.31 22.12
N VAL A 215 -0.97 -2.73 23.35
CA VAL A 215 0.01 -3.46 24.17
C VAL A 215 0.06 -4.93 23.75
N ILE A 216 -1.12 -5.54 23.58
CA ILE A 216 -1.17 -6.93 23.17
C ILE A 216 -0.50 -7.08 21.81
N MET A 217 -0.81 -6.17 20.89
CA MET A 217 -0.22 -6.23 19.56
C MET A 217 1.31 -6.13 19.62
N ALA A 218 1.84 -5.36 20.56
CA ALA A 218 3.29 -5.27 20.68
C ALA A 218 3.77 -6.63 21.16
N GLN A 219 3.02 -7.23 22.08
CA GLN A 219 3.37 -8.54 22.60
C GLN A 219 3.29 -9.60 21.51
N GLU A 220 2.30 -9.48 20.63
CA GLU A 220 2.15 -10.45 19.55
C GLU A 220 3.27 -10.17 18.54
N ALA A 221 3.67 -8.92 18.45
CA ALA A 221 4.72 -8.52 17.51
C ALA A 221 6.01 -9.21 17.89
N LEU A 222 6.33 -9.14 19.18
CA LEU A 222 7.55 -9.72 19.72
C LEU A 222 7.57 -11.26 19.68
N ASN A 223 6.57 -11.88 20.29
CA ASN A 223 6.51 -13.34 20.31
C ASN A 223 6.83 -13.84 18.90
N MET A 224 6.35 -13.10 17.91
CA MET A 224 6.57 -13.47 16.51
C MET A 224 8.01 -13.19 16.07
N SER A 225 8.62 -12.16 16.65
CA SER A 225 10.00 -11.80 16.33
C SER A 225 10.92 -12.82 16.98
N SER A 226 10.40 -13.59 17.93
CA SER A 226 11.21 -14.60 18.60
C SER A 226 11.12 -15.86 17.75
N TYR A 227 9.90 -16.22 17.35
CA TYR A 227 9.65 -17.40 16.52
C TYR A 227 10.61 -17.39 15.33
N LEU A 228 10.58 -16.34 14.52
CA LEU A 228 11.50 -16.23 13.39
C LEU A 228 12.75 -15.78 14.18
N ASN A 229 13.87 -16.49 14.02
CA ASN A 229 15.05 -16.15 14.79
C ASN A 229 15.70 -14.89 14.23
N LEU A 230 14.88 -13.86 14.01
CA LEU A 230 15.39 -12.58 13.48
C LEU A 230 15.72 -11.59 14.58
N GLU A 231 16.99 -11.57 14.94
CA GLU A 231 17.52 -10.72 16.00
C GLU A 231 18.81 -11.45 16.27
N GLN A 232 18.72 -12.78 16.11
CA GLN A 232 19.87 -13.66 16.26
C GLN A 232 20.59 -13.44 14.95
N ASN A 233 19.83 -12.95 13.97
CA ASN A 233 20.35 -12.68 12.63
C ASN A 233 20.61 -11.19 12.40
N ASN A 234 20.44 -10.40 13.46
CA ASN A 234 20.67 -8.96 13.41
C ASN A 234 19.57 -8.12 12.77
N GLU A 235 18.37 -8.71 12.70
CA GLU A 235 17.17 -8.03 12.18
C GLU A 235 16.24 -7.83 13.37
N PHE A 236 15.03 -7.34 13.12
CA PHE A 236 14.09 -7.15 14.22
C PHE A 236 12.73 -6.62 13.81
N ILE A 237 11.81 -6.70 14.77
CA ILE A 237 10.46 -6.22 14.61
C ILE A 237 10.26 -5.19 15.72
N GLY A 238 10.26 -3.91 15.33
CA GLY A 238 10.07 -2.81 16.26
C GLY A 238 8.67 -2.23 16.25
N PHE A 239 8.49 -1.08 16.87
CA PHE A 239 7.19 -0.44 16.96
C PHE A 239 7.13 1.01 16.45
N VAL A 240 5.94 1.37 15.96
CA VAL A 240 5.63 2.71 15.49
C VAL A 240 4.83 3.31 16.65
N VAL A 241 5.46 4.19 17.41
CA VAL A 241 4.80 4.81 18.54
C VAL A 241 4.76 6.35 18.41
N GLY A 242 3.66 6.88 17.90
CA GLY A 242 3.56 8.32 17.71
C GLY A 242 4.12 9.20 18.82
N ALA A 243 4.72 10.33 18.44
CA ALA A 243 5.32 11.29 19.36
C ALA A 243 4.38 11.97 20.37
N ASN A 244 3.09 12.01 20.07
CA ASN A 244 2.14 12.67 20.95
C ASN A 244 1.47 11.72 21.93
N SER A 245 2.08 10.55 22.13
CA SER A 245 1.56 9.51 23.04
C SER A 245 2.63 9.13 24.07
N TYR A 246 2.89 10.09 24.95
CA TYR A 246 3.88 9.99 26.02
C TYR A 246 3.72 8.79 26.94
N ASP A 247 2.51 8.60 27.45
CA ASP A 247 2.29 7.50 28.37
C ASP A 247 2.58 6.17 27.71
N GLU A 248 1.85 5.90 26.63
CA GLU A 248 2.00 4.66 25.86
C GLU A 248 3.47 4.43 25.59
N MET A 249 4.17 5.50 25.22
CA MET A 249 5.61 5.45 24.93
C MET A 249 6.39 4.93 26.12
N ASN A 250 6.36 5.68 27.22
CA ASN A 250 7.06 5.26 28.42
C ASN A 250 6.60 3.84 28.74
N TYR A 251 5.30 3.58 28.64
CA TYR A 251 4.81 2.25 28.94
C TYR A 251 5.62 1.24 28.14
N ILE A 252 5.50 1.29 26.82
CA ILE A 252 6.23 0.39 25.93
C ILE A 252 7.71 0.32 26.29
N ARG A 253 8.39 1.46 26.28
CA ARG A 253 9.81 1.48 26.60
C ARG A 253 10.10 0.75 27.90
N THR A 254 9.33 1.08 28.93
CA THR A 254 9.50 0.47 30.23
C THR A 254 9.43 -1.06 30.11
N TYR A 255 8.23 -1.61 29.86
CA TYR A 255 8.06 -3.06 29.78
C TYR A 255 8.69 -3.83 28.61
N PHE A 256 9.21 -3.14 27.61
CA PHE A 256 9.84 -3.79 26.47
C PHE A 256 11.25 -3.22 26.29
N PRO A 257 12.17 -3.61 27.18
CA PRO A 257 13.55 -3.13 27.12
C PRO A 257 14.18 -3.57 25.80
N ASN A 258 15.10 -2.75 25.30
CA ASN A 258 15.79 -3.07 24.04
C ASN A 258 14.86 -3.22 22.83
N CYS A 259 13.84 -2.38 22.72
CA CYS A 259 12.93 -2.51 21.59
C CYS A 259 13.07 -1.32 20.65
N TYR A 260 13.36 -1.60 19.38
CA TYR A 260 13.49 -0.57 18.38
C TYR A 260 12.15 0.12 18.22
N ILE A 261 12.16 1.44 18.32
CA ILE A 261 10.96 2.24 18.21
C ILE A 261 11.09 3.29 17.11
N LEU A 262 10.04 3.42 16.32
CA LEU A 262 9.99 4.40 15.26
C LEU A 262 8.95 5.37 15.74
N SER A 263 9.26 6.66 15.73
CA SER A 263 8.30 7.63 16.21
C SER A 263 8.21 8.92 15.42
N PRO A 264 7.11 9.06 14.67
CA PRO A 264 6.80 10.22 13.83
C PRO A 264 5.85 11.18 14.56
N GLY A 265 5.83 12.44 14.15
CA GLY A 265 4.92 13.36 14.81
C GLY A 265 5.46 14.66 15.39
N ILE A 266 6.76 14.91 15.26
CA ILE A 266 7.33 16.13 15.79
C ILE A 266 7.26 17.24 14.77
N GLY A 267 6.53 18.30 15.09
CA GLY A 267 6.39 19.41 14.17
C GLY A 267 5.74 18.96 12.87
N ALA A 268 4.49 19.37 12.69
CA ALA A 268 3.63 19.08 11.54
C ALA A 268 2.28 18.65 12.12
N GLN A 269 2.36 17.86 13.18
CA GLN A 269 1.17 17.39 13.87
C GLN A 269 1.24 17.86 15.33
N ASN A 270 2.22 18.72 15.62
CA ASN A 270 2.47 19.31 16.95
C ASN A 270 3.46 18.45 17.78
N GLY A 271 3.55 18.72 19.10
CA GLY A 271 4.43 17.95 19.97
C GLY A 271 5.73 18.59 20.42
N ASP A 272 6.83 17.89 20.09
CA ASP A 272 8.24 18.25 20.35
C ASP A 272 9.01 17.33 21.31
N LEU A 273 9.86 16.51 20.70
CA LEU A 273 10.71 15.54 21.36
C LEU A 273 11.51 16.21 22.44
N HIS A 274 11.82 17.47 22.21
CA HIS A 274 12.58 18.29 23.13
C HIS A 274 12.34 17.72 24.52
N LYS A 275 11.07 17.49 24.81
CA LYS A 275 10.71 16.99 26.11
C LYS A 275 10.61 15.49 26.24
N THR A 276 9.51 15.09 26.85
CA THR A 276 9.18 13.71 27.16
C THR A 276 9.40 12.71 26.05
N LEU A 277 9.05 13.11 24.84
CA LEU A 277 9.20 12.25 23.68
C LEU A 277 10.46 11.41 23.67
N THR A 278 11.63 12.03 23.60
CA THR A 278 12.85 11.23 23.55
C THR A 278 13.34 10.80 24.93
N ASN A 279 12.86 11.45 25.99
CA ASN A 279 13.27 11.04 27.34
C ASN A 279 12.51 9.74 27.54
N GLY A 280 11.21 9.78 27.32
CA GLY A 280 10.45 8.55 27.42
C GLY A 280 11.02 7.84 26.21
N TYR A 281 11.16 6.51 26.26
CA TYR A 281 11.71 5.80 25.10
C TYR A 281 13.19 6.02 24.88
N HIS A 282 13.93 6.39 25.93
CA HIS A 282 15.37 6.60 25.83
C HIS A 282 16.04 5.24 25.64
N LYS A 283 17.37 5.26 25.55
CA LYS A 283 18.17 4.06 25.37
C LYS A 283 19.26 4.52 24.43
N SER A 284 20.11 3.59 23.99
CA SER A 284 21.13 3.90 23.00
C SER A 284 20.22 4.24 21.81
N TYR A 285 19.99 5.53 21.63
CA TYR A 285 19.08 6.10 20.64
C TYR A 285 18.62 5.48 19.33
N GLU A 286 19.31 4.51 18.73
CA GLU A 286 18.72 3.97 17.49
C GLU A 286 17.35 3.50 17.96
N LYS A 287 17.36 2.77 19.09
CA LYS A 287 16.16 2.22 19.72
C LYS A 287 15.01 3.17 19.56
N ILE A 288 15.30 4.47 19.65
CA ILE A 288 14.27 5.50 19.52
C ILE A 288 14.60 6.41 18.33
N LEU A 289 13.82 6.27 17.25
CA LEU A 289 14.03 7.08 16.05
C LEU A 289 13.01 8.22 15.95
N ILE A 290 13.48 9.46 15.91
CA ILE A 290 12.57 10.60 15.81
C ILE A 290 12.50 11.09 14.37
N ASN A 291 11.37 10.79 13.73
CA ASN A 291 11.14 11.17 12.35
C ASN A 291 10.66 12.61 12.29
N ILE A 292 11.39 13.41 11.54
CA ILE A 292 11.09 14.80 11.34
C ILE A 292 11.00 14.87 9.82
N GLY A 293 9.82 15.20 9.30
CA GLY A 293 9.66 15.25 7.86
C GLY A 293 9.38 16.62 7.28
N ARG A 294 8.09 16.90 7.08
CA ARG A 294 7.68 18.17 6.51
C ARG A 294 8.27 19.45 7.10
N ALA A 295 8.84 19.37 8.30
CA ALA A 295 9.43 20.55 8.94
C ALA A 295 10.78 20.88 8.32
N ILE A 296 11.31 19.92 7.57
CA ILE A 296 12.60 20.09 6.90
C ILE A 296 12.46 20.16 5.39
N THR A 297 11.72 19.21 4.83
CA THR A 297 11.53 19.16 3.38
C THR A 297 10.69 20.29 2.82
N LYS A 298 9.98 21.01 3.68
CA LYS A 298 9.14 22.13 3.22
C LYS A 298 9.70 23.46 3.69
N ASN A 299 10.76 23.38 4.49
CA ASN A 299 11.42 24.57 5.02
C ASN A 299 12.31 25.14 3.90
N PRO A 300 12.37 26.48 3.81
CA PRO A 300 13.16 27.21 2.80
C PRO A 300 14.65 26.83 2.82
N TYR A 301 15.19 26.67 4.02
CA TYR A 301 16.59 26.31 4.22
C TYR A 301 16.64 24.94 4.89
N PRO A 302 16.51 23.84 4.11
CA PRO A 302 16.52 22.47 4.62
C PRO A 302 17.77 22.03 5.35
N GLN A 303 18.94 22.31 4.79
CA GLN A 303 20.14 21.88 5.46
C GLN A 303 20.17 22.56 6.83
N LYS A 304 19.52 23.71 6.91
CA LYS A 304 19.44 24.48 8.14
C LYS A 304 18.49 23.84 9.15
N ALA A 305 17.25 23.58 8.71
CA ALA A 305 16.24 22.96 9.57
C ALA A 305 16.71 21.62 10.09
N ALA A 306 17.25 20.80 9.21
CA ALA A 306 17.75 19.51 9.60
C ALA A 306 18.73 19.73 10.73
N GLN A 307 19.66 20.66 10.54
CA GLN A 307 20.64 20.91 11.59
C GLN A 307 19.94 21.18 12.90
N MET A 308 19.26 22.30 12.98
CA MET A 308 18.54 22.67 14.19
C MET A 308 18.07 21.42 14.94
N TYR A 309 17.28 20.58 14.29
CA TYR A 309 16.77 19.35 14.91
C TYR A 309 17.89 18.38 15.34
N TYR A 310 19.06 18.53 14.72
CA TYR A 310 20.20 17.68 15.05
C TYR A 310 20.69 18.01 16.45
N ASP A 311 21.19 19.22 16.62
CA ASP A 311 21.72 19.65 17.90
C ASP A 311 20.66 19.53 18.99
N GLN A 312 19.42 19.81 18.62
CA GLN A 312 18.32 19.73 19.56
C GLN A 312 18.20 18.30 20.06
N ILE A 313 18.30 17.34 19.13
CA ILE A 313 18.21 15.94 19.51
C ILE A 313 19.49 15.52 20.24
N ASN A 314 20.61 16.15 19.91
CA ASN A 314 21.86 15.82 20.57
C ASN A 314 21.78 16.27 22.04
N ALA A 315 21.34 17.51 22.26
CA ALA A 315 21.21 18.05 23.61
C ALA A 315 20.31 17.19 24.48
N ILE A 316 19.01 17.24 24.19
CA ILE A 316 18.02 16.47 24.92
C ILE A 316 18.51 15.04 25.18
N LEU A 317 19.30 14.52 24.26
CA LEU A 317 19.81 13.14 24.32
C LEU A 317 20.94 12.96 25.32
N LYS A 318 20.84 13.59 26.48
CA LYS A 318 21.90 13.46 27.48
C LYS A 318 21.50 14.01 28.83
N MET B 1 -23.38 6.12 -12.90
CA MET B 1 -21.95 6.41 -12.62
C MET B 1 -21.59 6.08 -11.17
N GLY B 2 -22.40 6.59 -10.22
CA GLY B 2 -22.14 6.32 -8.82
C GLY B 2 -22.03 4.82 -8.65
N PHE B 3 -21.24 4.36 -7.69
CA PHE B 3 -21.11 2.93 -7.55
C PHE B 3 -22.46 2.24 -7.40
N LYS B 4 -23.13 2.44 -6.28
CA LYS B 4 -24.43 1.82 -6.05
C LYS B 4 -25.25 1.60 -7.31
N VAL B 5 -25.31 2.63 -8.14
CA VAL B 5 -26.09 2.59 -9.38
C VAL B 5 -25.39 1.92 -10.56
N LYS B 6 -24.08 2.00 -10.59
CA LYS B 6 -23.33 1.38 -11.67
C LYS B 6 -23.38 -0.11 -11.39
N LEU B 7 -23.41 -0.44 -10.11
CA LEU B 7 -23.43 -1.83 -9.65
C LEU B 7 -24.85 -2.39 -9.72
N GLU B 8 -25.81 -1.49 -9.86
CA GLU B 8 -27.20 -1.90 -9.94
C GLU B 8 -27.60 -2.22 -11.38
N LYS B 9 -27.25 -1.34 -12.30
CA LYS B 9 -27.56 -1.59 -13.69
C LYS B 9 -26.89 -2.88 -14.15
N ARG B 10 -25.57 -3.01 -13.97
CA ARG B 10 -24.86 -4.23 -14.41
C ARG B 10 -25.39 -5.50 -13.78
N ARG B 11 -25.91 -5.40 -12.56
CA ARG B 11 -26.45 -6.58 -11.92
C ARG B 11 -27.54 -7.13 -12.82
N ASN B 12 -28.50 -6.29 -13.20
CA ASN B 12 -29.58 -6.73 -14.09
C ASN B 12 -29.04 -7.26 -15.41
N ALA B 13 -28.29 -6.40 -16.09
CA ALA B 13 -27.71 -6.75 -17.37
C ALA B 13 -27.08 -8.14 -17.43
N ILE B 14 -26.81 -8.76 -16.28
CA ILE B 14 -26.17 -10.08 -16.28
C ILE B 14 -26.42 -10.92 -15.01
N ASN B 15 -27.07 -10.33 -14.02
CA ASN B 15 -27.32 -11.02 -12.74
C ASN B 15 -25.98 -11.47 -12.15
N THR B 16 -26.00 -12.42 -11.19
CA THR B 16 -24.76 -12.89 -10.58
C THR B 16 -24.08 -11.78 -9.78
N CYS B 17 -23.50 -12.16 -8.65
CA CYS B 17 -22.82 -11.20 -7.78
C CYS B 17 -21.34 -11.61 -7.67
N LEU B 18 -20.86 -12.29 -8.69
CA LEU B 18 -19.49 -12.77 -8.74
C LEU B 18 -18.52 -11.65 -9.02
N CYS B 19 -17.38 -11.74 -8.37
CA CYS B 19 -16.31 -10.78 -8.52
C CYS B 19 -15.07 -11.58 -8.87
N ILE B 20 -14.66 -11.53 -10.14
CA ILE B 20 -13.47 -12.25 -10.55
C ILE B 20 -12.26 -11.51 -10.01
N GLY B 21 -11.35 -12.26 -9.41
CA GLY B 21 -10.14 -11.68 -8.87
C GLY B 21 -9.03 -11.83 -9.87
N LEU B 22 -8.35 -10.74 -10.18
CA LEU B 22 -7.27 -10.74 -11.14
C LEU B 22 -5.94 -10.43 -10.46
N ASP B 23 -5.33 -11.46 -9.86
CA ASP B 23 -4.05 -11.35 -9.15
C ASP B 23 -2.98 -12.17 -9.82
N PRO B 24 -2.51 -11.71 -10.99
CA PRO B 24 -1.47 -12.43 -11.72
C PRO B 24 -0.13 -12.37 -11.00
N ASP B 25 0.46 -13.53 -10.75
CA ASP B 25 1.77 -13.60 -10.12
C ASP B 25 2.84 -13.87 -11.19
N GLU B 26 4.09 -13.98 -10.74
CA GLU B 26 5.23 -14.20 -11.62
C GLU B 26 5.17 -15.43 -12.52
N LYS B 27 4.54 -16.50 -12.04
CA LYS B 27 4.43 -17.71 -12.85
C LYS B 27 3.27 -17.66 -13.82
N ASP B 28 2.21 -16.95 -13.46
CA ASP B 28 1.06 -16.82 -14.35
C ASP B 28 1.58 -16.18 -15.63
N ILE B 29 2.51 -15.24 -15.46
CA ILE B 29 3.07 -14.52 -16.57
C ILE B 29 4.03 -15.35 -17.42
N GLU B 30 4.95 -16.10 -16.80
CA GLU B 30 5.86 -16.91 -17.62
C GLU B 30 5.18 -18.10 -18.29
N ASN B 31 4.14 -18.63 -17.68
CA ASN B 31 3.44 -19.75 -18.29
C ASN B 31 2.66 -19.27 -19.51
N PHE B 32 1.92 -18.18 -19.34
CA PHE B 32 1.14 -17.59 -20.43
C PHE B 32 2.05 -17.29 -21.62
N MET B 33 3.30 -16.98 -21.31
CA MET B 33 4.25 -16.68 -22.35
C MET B 33 4.82 -18.00 -22.84
N LYS B 34 5.45 -18.73 -21.93
CA LYS B 34 6.05 -20.02 -22.23
C LYS B 34 5.22 -20.74 -23.28
N ASN B 35 3.91 -20.84 -23.05
CA ASN B 35 3.11 -21.51 -24.04
C ASN B 35 2.08 -20.61 -24.72
N GLU B 36 2.61 -19.62 -25.44
CA GLU B 36 1.83 -18.66 -26.20
C GLU B 36 2.78 -18.38 -27.35
N LYS B 37 4.06 -18.31 -26.99
CA LYS B 37 5.17 -18.06 -27.90
C LYS B 37 5.33 -19.31 -28.76
N GLU B 38 4.99 -20.44 -28.13
CA GLU B 38 5.09 -21.72 -28.77
C GLU B 38 3.67 -22.17 -29.13
N ASN B 39 2.94 -21.25 -29.76
CA ASN B 39 1.57 -21.51 -30.20
C ASN B 39 1.14 -20.38 -31.11
N ASN B 40 2.12 -19.60 -31.54
CA ASN B 40 1.88 -18.48 -32.44
C ASN B 40 1.06 -17.35 -31.84
N TYR B 41 1.23 -17.12 -30.53
CA TYR B 41 0.53 -16.02 -29.87
C TYR B 41 -0.93 -16.00 -30.30
N ASN B 42 -1.66 -17.09 -30.04
CA ASN B 42 -3.05 -17.10 -30.44
C ASN B 42 -3.93 -16.22 -29.57
N ASN B 43 -3.80 -16.36 -28.25
CA ASN B 43 -4.59 -15.57 -27.32
C ASN B 43 -4.27 -14.08 -27.39
N ILE B 44 -3.00 -13.72 -27.47
CA ILE B 44 -2.67 -12.30 -27.56
C ILE B 44 -3.29 -11.76 -28.86
N LYS B 45 -3.24 -12.57 -29.92
CA LYS B 45 -3.82 -12.18 -31.19
C LYS B 45 -5.32 -11.97 -31.00
N LYS B 46 -5.99 -12.91 -30.33
CA LYS B 46 -7.42 -12.78 -30.08
C LYS B 46 -7.67 -11.44 -29.40
N ASN B 47 -6.80 -11.09 -28.44
CA ASN B 47 -6.94 -9.81 -27.70
C ASN B 47 -6.84 -8.66 -28.69
N LEU B 48 -5.69 -8.57 -29.35
CA LEU B 48 -5.40 -7.53 -30.32
C LEU B 48 -6.52 -7.25 -31.33
N LYS B 49 -7.53 -8.12 -31.36
CA LYS B 49 -8.64 -7.91 -32.28
C LYS B 49 -9.69 -7.12 -31.52
N GLU B 50 -9.82 -7.44 -30.24
CA GLU B 50 -10.81 -6.83 -29.39
C GLU B 50 -11.37 -5.49 -29.86
N LYS B 51 -10.65 -4.39 -29.64
CA LYS B 51 -11.09 -3.05 -30.06
C LYS B 51 -10.99 -2.07 -28.91
N TYR B 52 -11.60 -2.43 -27.78
CA TYR B 52 -11.59 -1.59 -26.59
C TYR B 52 -10.17 -1.51 -26.06
N ILE B 53 -9.26 -2.23 -26.70
CA ILE B 53 -7.88 -2.24 -26.27
C ILE B 53 -7.23 -0.88 -26.54
N ASN B 54 -8.02 0.10 -26.98
CA ASN B 54 -7.45 1.41 -27.27
C ASN B 54 -7.62 2.57 -26.24
N ASN B 55 -8.29 2.36 -25.09
CA ASN B 55 -8.31 3.47 -24.12
C ASN B 55 -6.94 3.34 -23.47
N VAL B 56 -6.56 2.10 -23.19
CA VAL B 56 -5.26 1.80 -22.63
C VAL B 56 -4.31 2.92 -23.09
N SER B 57 -3.64 3.56 -22.13
CA SER B 57 -2.77 4.68 -22.43
C SER B 57 -1.29 4.60 -22.13
N ILE B 58 -0.78 3.46 -21.70
CA ILE B 58 0.65 3.37 -21.43
C ILE B 58 1.33 2.49 -22.47
N LYS B 59 2.36 3.03 -23.08
CA LYS B 59 3.10 2.33 -24.11
C LYS B 59 2.14 1.60 -25.03
N LYS B 60 1.17 2.35 -25.57
CA LYS B 60 0.16 1.82 -26.50
C LYS B 60 0.90 1.29 -27.73
N ASP B 61 1.98 1.99 -28.09
CA ASP B 61 2.83 1.69 -29.22
C ASP B 61 3.57 0.36 -29.09
N ILE B 62 3.65 -0.14 -27.86
CA ILE B 62 4.31 -1.42 -27.62
C ILE B 62 3.29 -2.53 -27.41
N LEU B 63 2.22 -2.18 -26.74
CA LEU B 63 1.18 -3.13 -26.42
C LEU B 63 0.46 -3.70 -27.64
N LEU B 64 0.18 -2.83 -28.62
CA LEU B 64 -0.52 -3.26 -29.85
C LEU B 64 0.42 -3.55 -31.00
N LYS B 65 1.65 -3.97 -30.70
CA LYS B 65 2.61 -4.23 -31.74
C LYS B 65 2.84 -5.72 -31.99
N ALA B 66 1.99 -6.33 -32.81
CA ALA B 66 2.09 -7.75 -33.16
C ALA B 66 3.25 -8.52 -32.49
N PRO B 67 2.93 -9.65 -31.84
CA PRO B 67 3.85 -10.54 -31.12
C PRO B 67 5.34 -10.55 -31.49
N ASP B 68 6.15 -9.81 -30.73
CA ASP B 68 7.58 -9.76 -30.96
C ASP B 68 8.44 -9.11 -29.88
N ASN B 69 9.67 -9.63 -29.79
CA ASN B 69 10.66 -9.18 -28.83
C ASN B 69 11.98 -9.16 -29.58
N ILE B 70 12.79 -8.12 -29.34
CA ILE B 70 14.08 -7.99 -29.99
C ILE B 70 13.92 -7.72 -31.48
N GLU B 74 14.30 -10.77 -27.22
CA GLU B 74 13.72 -10.41 -25.91
C GLU B 74 14.12 -8.97 -25.56
N LYS B 75 13.20 -8.04 -25.82
CA LYS B 75 13.45 -6.61 -25.55
C LYS B 75 13.05 -6.20 -24.13
N SER B 76 13.57 -5.06 -23.70
CA SER B 76 13.30 -4.52 -22.37
C SER B 76 11.79 -4.57 -22.06
N GLU B 77 11.00 -4.47 -23.12
CA GLU B 77 9.55 -4.47 -22.98
C GLU B 77 8.89 -5.85 -23.08
N GLU B 78 9.70 -6.89 -23.26
CA GLU B 78 9.17 -8.23 -23.35
C GLU B 78 8.22 -8.48 -22.19
N PHE B 79 8.76 -8.53 -20.98
CA PHE B 79 7.96 -8.76 -19.79
C PHE B 79 6.71 -7.88 -19.69
N PHE B 80 6.89 -6.59 -19.91
CA PHE B 80 5.76 -5.67 -19.86
C PHE B 80 4.66 -6.26 -20.75
N TYR B 81 5.05 -6.69 -21.94
CA TYR B 81 4.15 -7.32 -22.91
C TYR B 81 3.92 -8.70 -22.28
N PHE B 82 2.77 -9.33 -22.50
CA PHE B 82 2.48 -10.64 -21.91
C PHE B 82 1.86 -10.45 -20.54
N PHE B 83 2.56 -9.77 -19.64
CA PHE B 83 2.01 -9.51 -18.32
C PHE B 83 0.71 -8.78 -18.59
N ASN B 84 0.83 -7.69 -19.34
CA ASN B 84 -0.31 -6.87 -19.69
C ASN B 84 -1.34 -7.74 -20.42
N HIS B 85 -0.89 -8.44 -21.47
CA HIS B 85 -1.77 -9.29 -22.25
C HIS B 85 -2.40 -10.42 -21.47
N PHE B 86 -1.67 -10.96 -20.50
CA PHE B 86 -2.26 -12.03 -19.73
C PHE B 86 -3.53 -11.48 -19.07
N CYS B 87 -3.46 -10.23 -18.60
CA CYS B 87 -4.60 -9.59 -17.95
C CYS B 87 -5.74 -9.32 -18.93
N PHE B 88 -5.38 -8.83 -20.11
CA PHE B 88 -6.35 -8.54 -21.17
C PHE B 88 -7.07 -9.81 -21.59
N TYR B 89 -6.31 -10.89 -21.57
CA TYR B 89 -6.75 -12.23 -21.94
C TYR B 89 -7.85 -12.69 -20.99
N ILE B 90 -7.57 -12.69 -19.69
CA ILE B 90 -8.55 -13.11 -18.69
C ILE B 90 -9.82 -12.28 -18.77
N ILE B 91 -9.65 -10.96 -18.85
CA ILE B 91 -10.79 -10.08 -18.90
C ILE B 91 -11.68 -10.37 -20.11
N ASN B 92 -11.07 -10.47 -21.29
CA ASN B 92 -11.83 -10.75 -22.52
C ASN B 92 -12.57 -12.06 -22.49
N GLU B 93 -12.21 -12.93 -21.58
CA GLU B 93 -12.87 -14.21 -21.55
C GLU B 93 -13.67 -14.48 -20.31
N THR B 94 -13.69 -13.54 -19.39
CA THR B 94 -14.41 -13.78 -18.16
C THR B 94 -15.38 -12.70 -17.80
N ASN B 95 -15.18 -11.49 -18.32
CA ASN B 95 -16.06 -10.38 -17.98
C ASN B 95 -17.56 -10.62 -18.13
N LYS B 96 -17.95 -11.36 -19.16
CA LYS B 96 -19.36 -11.65 -19.41
C LYS B 96 -20.08 -12.37 -18.26
N TYR B 97 -19.30 -12.88 -17.30
CA TYR B 97 -19.89 -13.58 -16.17
C TYR B 97 -19.66 -12.77 -14.89
N ALA B 98 -18.80 -11.78 -15.00
CA ALA B 98 -18.45 -10.94 -13.85
C ALA B 98 -19.32 -9.72 -13.70
N LEU B 99 -19.68 -9.45 -12.46
CA LEU B 99 -20.46 -8.28 -12.11
C LEU B 99 -19.41 -7.20 -11.80
N THR B 100 -18.27 -7.64 -11.27
CA THR B 100 -17.18 -6.76 -10.90
C THR B 100 -15.82 -7.45 -10.91
N PHE B 101 -14.79 -6.68 -11.20
CA PHE B 101 -13.43 -7.19 -11.23
C PHE B 101 -12.68 -6.55 -10.07
N LYS B 102 -11.89 -7.34 -9.37
CA LYS B 102 -11.14 -6.85 -8.24
C LYS B 102 -9.65 -7.10 -8.41
N MET B 103 -8.87 -6.02 -8.47
CA MET B 103 -7.42 -6.16 -8.63
C MET B 103 -6.68 -5.82 -7.35
N ASN B 104 -5.78 -6.70 -6.92
CA ASN B 104 -5.00 -6.45 -5.72
C ASN B 104 -3.69 -5.77 -6.09
N PHE B 105 -3.57 -4.51 -5.74
CA PHE B 105 -2.38 -3.70 -6.01
C PHE B 105 -1.07 -4.48 -5.78
N ALA B 106 -1.01 -5.21 -4.67
CA ALA B 106 0.16 -5.97 -4.29
C ALA B 106 0.91 -6.68 -5.41
N PHE B 107 0.18 -7.33 -6.31
CA PHE B 107 0.79 -8.08 -7.40
C PHE B 107 1.31 -7.22 -8.55
N TYR B 108 1.09 -5.91 -8.48
CA TYR B 108 1.51 -5.03 -9.56
C TYR B 108 2.66 -4.14 -9.22
N ILE B 109 3.32 -4.42 -8.10
CA ILE B 109 4.40 -3.56 -7.63
C ILE B 109 5.77 -4.20 -7.37
N PRO B 110 5.84 -5.54 -7.27
CA PRO B 110 7.15 -6.17 -7.01
C PRO B 110 8.24 -6.04 -8.09
N TYR B 111 7.88 -5.72 -9.32
CA TYR B 111 8.88 -5.58 -10.38
C TYR B 111 9.21 -4.13 -10.71
N GLY B 112 8.54 -3.20 -10.01
CA GLY B 112 8.77 -1.79 -10.26
C GLY B 112 7.61 -1.05 -10.90
N SER B 113 7.93 0.03 -11.60
CA SER B 113 6.91 0.83 -12.25
C SER B 113 6.25 0.10 -13.40
N VAL B 114 6.97 -0.85 -13.99
CA VAL B 114 6.43 -1.61 -15.11
C VAL B 114 5.08 -2.24 -14.73
N GLY B 115 4.97 -2.68 -13.48
CA GLY B 115 3.74 -3.31 -13.03
C GLY B 115 2.60 -2.35 -12.78
N ILE B 116 2.91 -1.08 -12.59
CA ILE B 116 1.88 -0.10 -12.33
C ILE B 116 1.32 0.33 -13.67
N ASP B 117 2.21 0.37 -14.66
CA ASP B 117 1.80 0.71 -16.01
C ASP B 117 0.69 -0.23 -16.39
N VAL B 118 0.93 -1.51 -16.18
CA VAL B 118 -0.05 -2.53 -16.49
C VAL B 118 -1.35 -2.33 -15.72
N LEU B 119 -1.22 -2.01 -14.42
CA LEU B 119 -2.39 -1.79 -13.58
C LEU B 119 -3.25 -0.68 -14.17
N LYS B 120 -2.62 0.39 -14.62
CA LYS B 120 -3.35 1.49 -15.22
C LYS B 120 -4.05 1.05 -16.51
N ASN B 121 -3.35 0.30 -17.36
CA ASN B 121 -3.95 -0.17 -18.60
C ASN B 121 -5.12 -1.11 -18.32
N VAL B 122 -5.01 -1.89 -17.26
CA VAL B 122 -6.10 -2.81 -16.94
C VAL B 122 -7.32 -2.02 -16.50
N PHE B 123 -7.11 -1.08 -15.59
CA PHE B 123 -8.21 -0.24 -15.11
C PHE B 123 -8.77 0.64 -16.21
N ASP B 124 -7.92 0.98 -17.18
CA ASP B 124 -8.33 1.78 -18.32
C ASP B 124 -9.27 0.89 -19.13
N TYR B 125 -8.86 -0.36 -19.32
CA TYR B 125 -9.63 -1.33 -20.07
C TYR B 125 -11.00 -1.60 -19.46
N LEU B 126 -11.01 -2.13 -18.23
CA LEU B 126 -12.26 -2.42 -17.52
C LEU B 126 -13.16 -1.20 -17.53
N TYR B 127 -12.56 -0.02 -17.60
CA TYR B 127 -13.31 1.23 -17.61
C TYR B 127 -14.03 1.53 -18.92
N GLU B 128 -13.41 1.19 -20.07
CA GLU B 128 -14.05 1.43 -21.38
C GLU B 128 -15.24 0.48 -21.54
N LEU B 129 -15.10 -0.76 -21.07
CA LEU B 129 -16.24 -1.65 -21.05
C LEU B 129 -16.78 -1.04 -19.77
N ASN B 130 -18.06 -1.13 -19.46
CA ASN B 130 -18.42 -0.48 -18.22
C ASN B 130 -18.53 -1.49 -17.08
N ILE B 131 -17.38 -2.05 -16.73
CA ILE B 131 -17.29 -3.05 -15.68
C ILE B 131 -16.76 -2.44 -14.38
N PRO B 132 -17.55 -2.55 -13.30
CA PRO B 132 -17.16 -2.00 -11.99
C PRO B 132 -15.85 -2.59 -11.49
N THR B 133 -15.05 -1.74 -10.87
CA THR B 133 -13.76 -2.19 -10.39
C THR B 133 -13.55 -1.99 -8.90
N ILE B 134 -12.61 -2.77 -8.36
CA ILE B 134 -12.23 -2.70 -6.96
C ILE B 134 -10.72 -2.83 -6.87
N LEU B 135 -10.05 -1.79 -6.40
CA LEU B 135 -8.61 -1.88 -6.23
C LEU B 135 -8.39 -2.30 -4.78
N ASP B 136 -8.15 -3.58 -4.54
CA ASP B 136 -7.92 -4.02 -3.17
C ASP B 136 -6.48 -3.71 -2.80
N MET B 137 -6.33 -2.67 -1.99
CA MET B 137 -5.02 -2.21 -1.56
C MET B 137 -5.05 -1.98 -0.04
N LYS B 138 -6.23 -2.06 0.54
CA LYS B 138 -6.46 -1.84 1.97
C LYS B 138 -5.50 -0.84 2.55
N ILE B 139 -5.65 0.38 2.08
CA ILE B 139 -4.82 1.48 2.49
C ILE B 139 -5.04 1.91 3.94
N ASN B 140 -4.06 2.65 4.45
CA ASN B 140 -4.11 3.18 5.80
C ASN B 140 -2.96 4.18 5.98
N ASP B 141 -3.26 5.29 6.65
CA ASP B 141 -2.28 6.33 6.93
C ASP B 141 -3.00 7.55 7.49
N ILE B 142 -2.24 8.62 7.70
CA ILE B 142 -2.78 9.86 8.23
C ILE B 142 -3.47 10.67 7.12
N GLY B 143 -4.52 11.39 7.50
CA GLY B 143 -5.28 12.17 6.55
C GLY B 143 -4.42 12.80 5.47
N ASN B 144 -3.34 13.49 5.86
CA ASN B 144 -2.48 14.15 4.90
C ASN B 144 -2.03 13.20 3.80
N THR B 145 -1.40 12.12 4.22
CA THR B 145 -0.89 11.09 3.32
C THR B 145 -1.95 10.32 2.54
N VAL B 146 -2.97 9.85 3.24
CA VAL B 146 -4.06 9.08 2.64
C VAL B 146 -4.60 9.75 1.40
N LYS B 147 -4.51 11.08 1.37
CA LYS B 147 -5.01 11.85 0.25
C LYS B 147 -4.36 11.44 -1.07
N ASN B 148 -3.15 10.91 -0.99
CA ASN B 148 -2.46 10.49 -2.19
C ASN B 148 -3.03 9.15 -2.67
N TYR B 149 -3.46 8.31 -1.74
CA TYR B 149 -4.03 7.04 -2.15
C TYR B 149 -5.39 7.33 -2.81
N ARG B 150 -6.12 8.31 -2.28
CA ARG B 150 -7.43 8.64 -2.85
C ARG B 150 -7.30 9.17 -4.28
N LYS B 151 -6.21 9.89 -4.52
CA LYS B 151 -5.93 10.46 -5.83
C LYS B 151 -5.50 9.35 -6.79
N PHE B 152 -4.51 8.60 -6.37
CA PHE B 152 -4.01 7.51 -7.18
C PHE B 152 -5.13 6.56 -7.57
N ILE B 153 -5.97 6.19 -6.60
CA ILE B 153 -7.04 5.24 -6.84
C ILE B 153 -8.21 5.71 -7.68
N PHE B 154 -8.83 6.81 -7.26
CA PHE B 154 -10.01 7.32 -7.94
C PHE B 154 -9.78 8.33 -9.03
N GLU B 155 -8.64 9.01 -9.01
CA GLU B 155 -8.34 10.01 -10.04
C GLU B 155 -7.47 9.45 -11.17
N TYR B 156 -6.44 8.70 -10.82
CA TYR B 156 -5.53 8.14 -11.79
C TYR B 156 -6.03 6.85 -12.47
N LEU B 157 -6.56 5.92 -11.68
CA LEU B 157 -7.05 4.65 -12.22
C LEU B 157 -8.54 4.70 -12.55
N LYS B 158 -9.22 5.71 -12.02
CA LYS B 158 -10.65 5.87 -12.21
C LYS B 158 -11.44 4.68 -11.67
N SER B 159 -10.87 4.03 -10.67
CA SER B 159 -11.50 2.89 -10.03
C SER B 159 -12.86 3.26 -9.45
N ASP B 160 -13.72 2.28 -9.19
CA ASP B 160 -15.01 2.57 -8.60
C ASP B 160 -15.00 2.50 -7.09
N SER B 161 -14.09 1.69 -6.54
CA SER B 161 -13.98 1.53 -5.10
C SER B 161 -12.63 0.96 -4.74
N CYS B 162 -12.42 0.74 -3.45
CA CYS B 162 -11.17 0.19 -2.95
C CYS B 162 -11.36 -0.28 -1.51
N THR B 163 -10.52 -1.21 -1.06
CA THR B 163 -10.58 -1.72 0.31
C THR B 163 -9.68 -0.88 1.20
N VAL B 164 -10.06 -0.77 2.48
CA VAL B 164 -9.31 0.02 3.45
C VAL B 164 -9.19 -0.69 4.80
N ASN B 165 -8.07 -0.43 5.47
CA ASN B 165 -7.80 -0.95 6.80
C ASN B 165 -7.86 0.26 7.75
N ILE B 166 -8.98 0.46 8.43
CA ILE B 166 -9.12 1.61 9.32
C ILE B 166 -8.62 1.43 10.76
N TYR B 167 -7.80 0.41 11.02
CA TYR B 167 -7.31 0.22 12.37
C TYR B 167 -6.61 1.48 12.92
N MET B 168 -5.90 2.19 12.05
CA MET B 168 -5.21 3.41 12.46
C MET B 168 -6.17 4.56 12.80
N GLY B 169 -7.46 4.35 12.59
CA GLY B 169 -8.43 5.38 12.88
C GLY B 169 -9.47 5.47 11.78
N THR B 170 -10.72 5.57 12.18
CA THR B 170 -11.80 5.60 11.23
C THR B 170 -12.01 6.92 10.48
N ASN B 171 -11.28 7.97 10.84
CA ASN B 171 -11.49 9.23 10.11
C ASN B 171 -10.89 9.17 8.70
N MET B 172 -10.08 8.14 8.47
CA MET B 172 -9.45 7.89 7.17
C MET B 172 -10.47 8.13 6.08
N LEU B 173 -11.55 7.38 6.15
CA LEU B 173 -12.65 7.44 5.19
C LEU B 173 -13.04 8.84 4.71
N LYS B 174 -13.01 9.83 5.60
CA LYS B 174 -13.41 11.16 5.18
C LYS B 174 -12.44 11.72 4.13
N ASP B 175 -11.21 11.23 4.12
CA ASP B 175 -10.25 11.70 3.13
C ASP B 175 -10.17 10.73 1.95
N ILE B 176 -10.69 9.52 2.14
CA ILE B 176 -10.65 8.53 1.07
C ILE B 176 -11.94 8.49 0.26
N CYS B 177 -13.06 8.61 0.96
CA CYS B 177 -14.34 8.55 0.30
C CYS B 177 -14.87 9.90 -0.12
N TYR B 178 -14.22 10.96 0.35
CA TYR B 178 -14.67 12.29 -0.01
C TYR B 178 -13.54 13.22 -0.42
N ASP B 179 -13.74 13.92 -1.52
CA ASP B 179 -12.75 14.86 -2.00
C ASP B 179 -13.40 16.23 -1.97
N GLU B 180 -13.05 17.05 -0.98
CA GLU B 180 -13.65 18.36 -0.92
C GLU B 180 -13.32 19.22 -2.14
N GLU B 181 -12.03 19.50 -2.35
CA GLU B 181 -11.66 20.33 -3.49
C GLU B 181 -12.64 20.22 -4.64
N LYS B 182 -13.03 19.00 -5.00
CA LYS B 182 -13.95 18.83 -6.13
C LYS B 182 -15.24 18.04 -5.87
N ASN B 183 -15.64 17.93 -4.60
CA ASN B 183 -16.83 17.16 -4.26
C ASN B 183 -16.50 15.72 -4.58
N LYS B 184 -17.35 15.10 -5.40
CA LYS B 184 -17.06 13.72 -5.77
C LYS B 184 -17.01 12.86 -4.52
N TYR B 185 -17.74 11.75 -4.55
CA TYR B 185 -17.73 10.82 -3.45
C TYR B 185 -17.31 9.50 -4.06
N TYR B 186 -16.64 8.67 -3.26
CA TYR B 186 -16.13 7.36 -3.69
C TYR B 186 -16.62 6.25 -2.75
N SER B 187 -16.53 5.00 -3.19
CA SER B 187 -16.95 3.89 -2.34
C SER B 187 -15.75 3.15 -1.75
N ALA B 188 -15.92 2.57 -0.57
CA ALA B 188 -14.84 1.82 0.07
C ALA B 188 -15.31 0.56 0.81
N PHE B 189 -14.37 -0.38 0.99
CA PHE B 189 -14.62 -1.62 1.69
C PHE B 189 -13.63 -1.71 2.83
N VAL B 190 -14.15 -1.70 4.05
CA VAL B 190 -13.31 -1.78 5.24
C VAL B 190 -13.06 -3.22 5.61
N LEU B 191 -11.90 -3.50 6.18
CA LEU B 191 -11.57 -4.85 6.60
C LEU B 191 -12.25 -5.16 7.91
N VAL B 192 -13.21 -6.08 7.89
CA VAL B 192 -13.94 -6.46 9.10
C VAL B 192 -13.42 -7.77 9.67
N LYS B 193 -13.52 -8.84 8.87
CA LYS B 193 -13.07 -10.16 9.26
C LYS B 193 -12.30 -10.75 8.07
N THR B 194 -10.97 -10.92 8.20
CA THR B 194 -10.17 -11.44 7.09
C THR B 194 -10.03 -12.95 7.02
N THR B 195 -9.66 -13.47 5.83
CA THR B 195 -9.55 -14.90 5.55
C THR B 195 -8.31 -15.72 5.90
N ASN B 196 -7.46 -15.27 6.81
CA ASN B 196 -6.28 -16.07 7.16
C ASN B 196 -6.54 -16.74 8.49
N PRO B 197 -6.01 -17.95 8.70
CA PRO B 197 -6.15 -18.78 9.92
C PRO B 197 -5.90 -18.17 11.31
N ASP B 198 -4.81 -17.42 11.48
CA ASP B 198 -4.56 -16.80 12.78
C ASP B 198 -5.34 -15.51 12.72
N SER B 199 -6.15 -15.44 11.66
CA SER B 199 -6.99 -14.30 11.35
C SER B 199 -7.11 -13.28 12.43
N ALA B 200 -8.12 -13.46 13.27
CA ALA B 200 -8.38 -12.48 14.29
C ALA B 200 -8.23 -12.78 15.76
N ILE B 201 -7.01 -12.62 16.26
CA ILE B 201 -6.78 -12.74 17.69
C ILE B 201 -6.86 -11.26 18.06
N PHE B 202 -7.28 -10.50 17.04
CA PHE B 202 -7.49 -9.07 17.10
C PHE B 202 -8.95 -8.73 16.71
N GLN B 203 -9.42 -9.24 15.58
CA GLN B 203 -10.79 -8.97 15.17
C GLN B 203 -11.76 -9.74 16.04
N LYS B 204 -11.22 -10.59 16.91
CA LYS B 204 -12.11 -11.37 17.77
C LYS B 204 -11.71 -11.42 19.24
N ASN B 205 -10.47 -11.83 19.52
CA ASN B 205 -10.01 -11.91 20.90
C ASN B 205 -10.05 -10.56 21.60
N LEU B 206 -10.12 -9.49 20.79
CA LEU B 206 -10.19 -8.11 21.28
C LEU B 206 -11.66 -7.70 21.32
N SER B 207 -12.00 -6.77 22.21
CA SER B 207 -13.39 -6.34 22.32
C SER B 207 -13.58 -5.16 23.27
N LEU B 208 -14.71 -4.48 23.11
CA LEU B 208 -15.09 -3.33 23.93
C LEU B 208 -16.47 -3.59 24.52
N ASP B 209 -16.50 -3.87 25.82
CA ASP B 209 -17.73 -4.16 26.55
C ASP B 209 -18.33 -5.48 26.04
N ASN B 210 -17.44 -6.37 25.62
CA ASN B 210 -17.82 -7.67 25.12
C ASN B 210 -18.50 -7.74 23.77
N LYS B 211 -18.25 -6.74 22.94
CA LYS B 211 -18.76 -6.68 21.57
C LYS B 211 -17.43 -6.76 20.83
N GLN B 212 -17.22 -7.84 20.07
CA GLN B 212 -15.96 -8.02 19.36
C GLN B 212 -15.46 -6.84 18.49
N ALA B 213 -14.15 -6.82 18.27
CA ALA B 213 -13.51 -5.74 17.50
C ALA B 213 -14.02 -5.56 16.06
N TYR B 214 -14.36 -6.65 15.38
CA TYR B 214 -14.84 -6.53 14.02
C TYR B 214 -16.25 -5.97 13.99
N VAL B 215 -16.84 -5.77 15.17
CA VAL B 215 -18.19 -5.23 15.26
C VAL B 215 -18.10 -3.76 15.58
N ILE B 216 -17.14 -3.42 16.42
CA ILE B 216 -16.93 -2.02 16.78
C ILE B 216 -16.50 -1.37 15.47
N MET B 217 -15.57 -2.02 14.80
CA MET B 217 -15.03 -1.53 13.54
C MET B 217 -16.09 -1.47 12.46
N ALA B 218 -16.92 -2.49 12.37
CA ALA B 218 -17.96 -2.53 11.36
C ALA B 218 -18.96 -1.42 11.60
N GLN B 219 -19.30 -1.22 12.87
CA GLN B 219 -20.24 -0.19 13.30
C GLN B 219 -19.65 1.20 13.09
N GLU B 220 -18.40 1.39 13.49
CA GLU B 220 -17.72 2.68 13.30
C GLU B 220 -17.67 3.10 11.83
N ALA B 221 -17.32 2.16 10.95
CA ALA B 221 -17.22 2.41 9.51
C ALA B 221 -18.52 2.91 8.93
N LEU B 222 -19.62 2.32 9.39
CA LEU B 222 -20.94 2.70 8.90
C LEU B 222 -21.39 4.10 9.37
N ASN B 223 -21.10 4.43 10.63
CA ASN B 223 -21.45 5.73 11.16
C ASN B 223 -20.61 6.80 10.44
N MET B 224 -19.56 6.37 9.73
CA MET B 224 -18.74 7.33 9.03
C MET B 224 -19.32 7.62 7.66
N SER B 225 -20.03 6.65 7.09
CA SER B 225 -20.65 6.84 5.78
C SER B 225 -21.97 7.59 5.97
N SER B 226 -22.40 7.73 7.23
CA SER B 226 -23.61 8.47 7.57
C SER B 226 -23.23 9.95 7.46
N TYR B 227 -22.08 10.26 8.05
CA TYR B 227 -21.53 11.61 7.98
C TYR B 227 -20.93 11.52 6.58
N LEU B 228 -20.85 12.63 5.85
CA LEU B 228 -20.31 12.60 4.48
C LEU B 228 -21.40 12.14 3.51
N ASN B 229 -22.49 11.60 4.07
CA ASN B 229 -23.66 11.07 3.34
C ASN B 229 -23.34 10.38 2.01
N LEU B 230 -22.57 9.31 2.08
CA LEU B 230 -22.22 8.55 0.89
C LEU B 230 -23.49 7.97 0.30
N GLU B 231 -24.13 7.07 1.03
CA GLU B 231 -25.35 6.39 0.60
C GLU B 231 -26.04 7.08 -0.57
N GLN B 232 -26.49 8.34 -0.43
CA GLN B 232 -27.04 8.98 -1.62
C GLN B 232 -25.79 9.22 -2.46
N ASN B 233 -25.58 10.40 -3.02
CA ASN B 233 -24.40 10.62 -3.86
C ASN B 233 -24.02 9.40 -4.70
N ASN B 234 -24.69 8.28 -4.42
CA ASN B 234 -24.56 6.96 -5.04
C ASN B 234 -23.32 6.11 -4.73
N GLU B 235 -22.71 6.36 -3.57
CA GLU B 235 -21.54 5.60 -3.11
C GLU B 235 -21.88 4.99 -1.75
N PHE B 236 -20.94 4.25 -1.17
CA PHE B 236 -21.14 3.62 0.13
C PHE B 236 -19.82 3.10 0.73
N ILE B 237 -19.91 2.63 1.96
CA ILE B 237 -18.78 2.03 2.66
C ILE B 237 -19.32 0.67 3.10
N GLY B 238 -18.63 -0.39 2.66
CA GLY B 238 -19.01 -1.75 2.99
C GLY B 238 -17.92 -2.49 3.75
N PHE B 239 -18.13 -3.79 3.92
CA PHE B 239 -17.18 -4.60 4.66
C PHE B 239 -16.53 -5.74 3.88
N VAL B 240 -15.37 -6.17 4.37
CA VAL B 240 -14.63 -7.28 3.78
C VAL B 240 -14.79 -8.40 4.79
N VAL B 241 -15.68 -9.33 4.47
CA VAL B 241 -15.95 -10.44 5.37
C VAL B 241 -15.66 -11.77 4.68
N GLY B 242 -14.62 -12.44 5.18
CA GLY B 242 -14.19 -13.72 4.63
C GLY B 242 -15.24 -14.79 4.41
N ALA B 243 -14.98 -15.63 3.41
CA ALA B 243 -15.88 -16.72 3.07
C ALA B 243 -15.94 -17.74 4.19
N ASN B 244 -14.82 -18.00 4.83
CA ASN B 244 -14.79 -18.96 5.92
C ASN B 244 -15.52 -18.48 7.17
N SER B 245 -15.51 -17.17 7.44
CA SER B 245 -16.18 -16.66 8.64
C SER B 245 -17.70 -16.74 8.57
N TYR B 246 -18.22 -17.98 8.58
CA TYR B 246 -19.67 -18.22 8.51
C TYR B 246 -20.43 -17.57 9.65
N ASP B 247 -20.02 -17.88 10.87
CA ASP B 247 -20.68 -17.32 12.04
C ASP B 247 -20.88 -15.81 11.87
N GLU B 248 -19.79 -15.04 11.83
CA GLU B 248 -19.84 -13.58 11.70
C GLU B 248 -20.56 -13.01 10.48
N MET B 249 -20.38 -13.62 9.32
CA MET B 249 -21.04 -13.14 8.11
C MET B 249 -22.50 -12.94 8.50
N ASN B 250 -23.11 -14.00 9.03
CA ASN B 250 -24.48 -13.94 9.50
C ASN B 250 -24.38 -13.28 10.87
N TYR B 251 -24.74 -12.01 10.92
CA TYR B 251 -24.69 -11.19 12.12
C TYR B 251 -24.61 -9.80 11.52
N ILE B 252 -23.62 -9.61 10.64
CA ILE B 252 -23.45 -8.34 9.96
C ILE B 252 -24.66 -8.22 9.02
N ARG B 253 -24.99 -9.29 8.31
CA ARG B 253 -26.13 -9.22 7.41
C ARG B 253 -27.43 -8.92 8.17
N THR B 254 -27.49 -9.27 9.46
CA THR B 254 -28.68 -9.02 10.25
C THR B 254 -28.66 -7.65 10.94
N TYR B 255 -27.53 -7.28 11.51
CA TYR B 255 -27.48 -6.00 12.19
C TYR B 255 -27.22 -4.85 11.27
N PHE B 256 -26.64 -5.17 10.13
CA PHE B 256 -26.38 -4.18 9.11
C PHE B 256 -26.90 -4.77 7.81
N PRO B 257 -28.21 -5.06 7.77
CA PRO B 257 -29.04 -5.63 6.71
C PRO B 257 -29.02 -5.09 5.27
N ASN B 258 -28.85 -3.77 5.11
CA ASN B 258 -28.81 -3.18 3.76
C ASN B 258 -27.34 -2.88 3.39
N CYS B 259 -26.41 -3.56 4.07
CA CYS B 259 -25.01 -3.28 3.81
C CYS B 259 -24.38 -3.99 2.63
N TYR B 260 -23.29 -3.40 2.15
CA TYR B 260 -22.55 -3.95 1.05
C TYR B 260 -21.44 -4.83 1.57
N ILE B 261 -21.31 -6.03 1.01
CA ILE B 261 -20.29 -6.97 1.43
C ILE B 261 -19.43 -7.49 0.28
N LEU B 262 -18.15 -7.61 0.57
CA LEU B 262 -17.18 -8.10 -0.37
C LEU B 262 -16.56 -9.27 0.35
N SER B 263 -16.85 -10.48 -0.12
CA SER B 263 -16.35 -11.68 0.53
C SER B 263 -15.49 -12.58 -0.36
N PRO B 264 -14.20 -12.72 -0.01
CA PRO B 264 -13.21 -13.55 -0.72
C PRO B 264 -12.90 -14.82 0.08
N GLY B 265 -12.19 -15.76 -0.53
CA GLY B 265 -11.86 -16.98 0.20
C GLY B 265 -12.38 -18.26 -0.43
N ILE B 266 -13.36 -18.13 -1.32
CA ILE B 266 -13.91 -19.30 -2.02
C ILE B 266 -12.99 -19.66 -3.18
N GLY B 267 -13.07 -20.89 -3.67
CA GLY B 267 -12.21 -21.28 -4.78
C GLY B 267 -10.79 -20.91 -4.43
N ALA B 268 -10.08 -21.88 -3.85
CA ALA B 268 -8.71 -21.70 -3.37
C ALA B 268 -8.95 -21.15 -1.99
N GLN B 269 -7.91 -21.10 -1.16
CA GLN B 269 -8.05 -20.58 0.20
C GLN B 269 -9.10 -21.46 0.90
N ASN B 270 -9.49 -22.54 0.21
CA ASN B 270 -10.48 -23.47 0.72
C ASN B 270 -11.81 -22.73 0.78
N GLY B 271 -12.91 -23.44 0.51
CA GLY B 271 -14.20 -22.76 0.56
C GLY B 271 -15.47 -23.56 0.29
N ASP B 272 -16.60 -23.02 0.78
CA ASP B 272 -17.90 -23.64 0.58
C ASP B 272 -18.87 -22.57 0.09
N LEU B 273 -18.96 -22.42 -1.22
CA LEU B 273 -19.83 -21.44 -1.83
C LEU B 273 -21.11 -21.31 -1.04
N HIS B 274 -21.87 -22.40 -1.00
CA HIS B 274 -23.12 -22.43 -0.26
C HIS B 274 -22.77 -22.16 1.18
N LYS B 275 -23.63 -22.60 2.10
CA LYS B 275 -23.39 -22.41 3.53
C LYS B 275 -23.38 -20.93 3.82
N THR B 276 -24.14 -20.53 4.85
CA THR B 276 -24.23 -19.12 5.23
C THR B 276 -22.95 -18.41 4.82
N LEU B 277 -22.92 -18.09 3.53
CA LEU B 277 -21.82 -17.39 2.89
C LEU B 277 -22.69 -16.72 1.86
N THR B 278 -23.05 -17.43 0.80
CA THR B 278 -23.95 -16.79 -0.15
C THR B 278 -25.37 -16.84 0.43
N ASN B 279 -25.51 -17.45 1.61
CA ASN B 279 -26.81 -17.53 2.27
C ASN B 279 -26.79 -16.61 3.45
N GLY B 280 -25.77 -16.75 4.29
CA GLY B 280 -25.65 -15.83 5.39
C GLY B 280 -25.08 -14.66 4.59
N TYR B 281 -25.78 -13.53 4.56
CA TYR B 281 -25.35 -12.34 3.81
C TYR B 281 -26.19 -12.08 2.57
N HIS B 282 -27.07 -13.03 2.24
CA HIS B 282 -27.94 -12.89 1.08
C HIS B 282 -28.68 -11.55 1.12
N LYS B 283 -29.14 -11.10 -0.04
CA LYS B 283 -29.86 -9.83 -0.18
C LYS B 283 -29.88 -9.69 -1.68
N SER B 284 -30.25 -8.53 -2.22
CA SER B 284 -30.18 -8.41 -3.68
C SER B 284 -28.67 -8.60 -3.90
N TYR B 285 -28.33 -9.82 -4.31
CA TYR B 285 -26.99 -10.32 -4.57
C TYR B 285 -25.80 -9.36 -4.74
N GLU B 286 -26.01 -8.23 -5.42
CA GLU B 286 -24.92 -7.29 -5.62
C GLU B 286 -24.42 -6.67 -4.30
N LYS B 287 -25.13 -6.95 -3.21
CA LYS B 287 -24.75 -6.45 -1.89
C LYS B 287 -23.91 -7.52 -1.19
N ILE B 288 -23.51 -8.53 -1.94
CA ILE B 288 -22.73 -9.62 -1.38
C ILE B 288 -21.86 -10.21 -2.48
N LEU B 289 -20.83 -9.45 -2.86
CA LEU B 289 -19.89 -9.84 -3.89
C LEU B 289 -18.99 -10.98 -3.45
N ILE B 290 -18.96 -12.05 -4.24
CA ILE B 290 -18.12 -13.20 -3.94
C ILE B 290 -16.91 -13.06 -4.83
N ASN B 291 -15.72 -13.18 -4.26
CA ASN B 291 -14.50 -13.08 -5.06
C ASN B 291 -13.80 -14.40 -5.18
N ILE B 292 -13.46 -14.76 -6.41
CA ILE B 292 -12.74 -15.97 -6.71
C ILE B 292 -11.65 -15.54 -7.68
N GLY B 293 -10.39 -15.62 -7.24
CA GLY B 293 -9.29 -15.24 -8.09
C GLY B 293 -8.58 -16.43 -8.69
N ARG B 294 -7.62 -16.99 -7.96
CA ARG B 294 -6.87 -18.14 -8.45
C ARG B 294 -7.69 -19.28 -9.05
N ALA B 295 -8.79 -19.65 -8.40
CA ALA B 295 -9.65 -20.73 -8.88
C ALA B 295 -10.02 -20.53 -10.37
N ILE B 296 -10.07 -19.27 -10.79
CA ILE B 296 -10.40 -18.96 -12.17
C ILE B 296 -9.17 -18.59 -12.97
N THR B 297 -8.35 -17.70 -12.41
CA THR B 297 -7.13 -17.24 -13.06
C THR B 297 -6.01 -18.30 -13.18
N LYS B 298 -6.02 -19.33 -12.34
CA LYS B 298 -4.99 -20.36 -12.43
C LYS B 298 -5.46 -21.64 -13.09
N ASN B 299 -6.71 -21.64 -13.53
CA ASN B 299 -7.29 -22.81 -14.17
C ASN B 299 -6.88 -22.88 -15.64
N PRO B 300 -6.41 -24.07 -16.11
CA PRO B 300 -5.96 -24.38 -17.47
C PRO B 300 -6.73 -23.65 -18.56
N TYR B 301 -8.05 -23.74 -18.55
CA TYR B 301 -8.81 -22.97 -19.52
C TYR B 301 -10.04 -22.29 -18.89
N PRO B 302 -9.83 -21.09 -18.29
CA PRO B 302 -10.83 -20.25 -17.63
C PRO B 302 -12.06 -19.92 -18.47
N GLN B 303 -12.86 -18.97 -18.00
CA GLN B 303 -14.11 -18.63 -18.69
C GLN B 303 -15.01 -19.79 -18.31
N LYS B 304 -14.55 -20.99 -18.65
CA LYS B 304 -15.26 -22.22 -18.33
C LYS B 304 -15.42 -22.19 -16.81
N ALA B 305 -14.30 -22.07 -16.10
CA ALA B 305 -14.31 -22.00 -14.64
C ALA B 305 -15.30 -20.91 -14.29
N ALA B 306 -15.07 -19.72 -14.86
CA ALA B 306 -15.96 -18.60 -14.64
C ALA B 306 -17.40 -19.11 -14.75
N GLN B 307 -17.81 -19.44 -15.97
CA GLN B 307 -19.14 -19.98 -16.22
C GLN B 307 -19.63 -20.90 -15.09
N MET B 308 -18.78 -21.85 -14.69
CA MET B 308 -19.15 -22.77 -13.63
C MET B 308 -19.58 -22.05 -12.37
N TYR B 309 -18.77 -21.08 -11.95
CA TYR B 309 -19.06 -20.30 -10.76
C TYR B 309 -20.34 -19.53 -10.98
N TYR B 310 -20.44 -18.91 -12.16
CA TYR B 310 -21.62 -18.15 -12.52
C TYR B 310 -22.84 -19.01 -12.21
N ASP B 311 -22.88 -20.16 -12.88
CA ASP B 311 -23.97 -21.11 -12.75
C ASP B 311 -24.26 -21.62 -11.35
N GLN B 312 -23.25 -22.11 -10.63
CA GLN B 312 -23.50 -22.60 -9.28
C GLN B 312 -23.79 -21.44 -8.33
N ILE B 313 -23.36 -20.24 -8.72
CA ILE B 313 -23.65 -19.05 -7.92
C ILE B 313 -25.10 -18.68 -8.25
N ASN B 314 -25.52 -18.96 -9.48
CA ASN B 314 -26.89 -18.65 -9.90
C ASN B 314 -27.86 -19.61 -9.22
N ALA B 315 -27.33 -20.50 -8.38
CA ALA B 315 -28.22 -21.41 -7.68
C ALA B 315 -28.61 -20.73 -6.36
N ILE B 316 -29.59 -19.85 -6.48
CA ILE B 316 -30.15 -19.11 -5.36
C ILE B 316 -31.55 -19.71 -5.09
N LEU B 317 -31.59 -20.69 -4.20
CA LEU B 317 -32.85 -21.30 -3.83
C LEU B 317 -33.51 -20.33 -2.83
N LYS B 318 -33.66 -19.07 -3.22
CA LYS B 318 -34.25 -18.07 -2.31
C LYS B 318 -35.27 -17.12 -2.96
#